data_6ZBZ
#
_entry.id   6ZBZ
#
_cell.length_a   56.837
_cell.length_b   70.059
_cell.length_c   87.182
_cell.angle_alpha   90.000
_cell.angle_beta   90.000
_cell.angle_gamma   90.000
#
_symmetry.space_group_name_H-M   'P 21 21 21'
#
loop_
_entity.id
_entity.type
_entity.pdbx_description
1 polymer 'Dishevelled, dsh homolog 3 (Drosophila), isoform CRA_b'
2 non-polymer '2-[(3,4-dimethylphenyl)sulfonylamino]-5-fluoranyl-benzoic acid'
3 non-polymer 1,2-ETHANEDIOL
4 water water
#
_entity_poly.entity_id   1
_entity_poly.type   'polypeptide(L)'
_entity_poly.pdbx_seq_one_letter_code
;AMSLNIITVTLNMEKYNFLGISIVGQSNERGDGGIYIGSIMKGGAVAADGRIEPGDMLLQVNEINFENMSNDDAVRVLRE
IVHKPGPITLTVAKS
;
_entity_poly.pdbx_strand_id   A,B,C,D
#
loop_
_chem_comp.id
_chem_comp.type
_chem_comp.name
_chem_comp.formula
EDO non-polymer 1,2-ETHANEDIOL 'C2 H6 O2'
QE5 non-polymer '2-[(3,4-dimethylphenyl)sulfonylamino]-5-fluoranyl-benzoic acid' 'C15 H14 F N O4 S'
#
# COMPACT_ATOMS: atom_id res chain seq x y z
N SER A 3 -15.00 20.03 4.39
CA SER A 3 -14.85 19.07 3.26
C SER A 3 -14.36 17.71 3.79
N LEU A 4 -15.09 16.64 3.45
CA LEU A 4 -14.81 15.24 3.88
C LEU A 4 -13.33 14.90 3.63
N ASN A 5 -12.64 14.40 4.66
CA ASN A 5 -11.26 13.85 4.55
C ASN A 5 -11.17 12.56 5.37
N ILE A 6 -11.58 11.44 4.78
CA ILE A 6 -11.68 10.11 5.44
C ILE A 6 -10.53 9.22 4.93
N ILE A 7 -9.80 8.58 5.85
CA ILE A 7 -8.75 7.58 5.51
C ILE A 7 -9.01 6.29 6.29
N THR A 8 -8.78 5.14 5.64
CA THR A 8 -8.86 3.79 6.25
C THR A 8 -7.44 3.24 6.43
N VAL A 9 -7.10 2.84 7.67
CA VAL A 9 -5.75 2.35 8.06
C VAL A 9 -5.90 0.91 8.56
N THR A 10 -5.37 -0.06 7.81
CA THR A 10 -5.32 -1.50 8.19
C THR A 10 -3.94 -1.81 8.79
N LEU A 11 -3.90 -2.18 10.06
CA LEU A 11 -2.65 -2.46 10.82
C LEU A 11 -2.48 -3.97 10.99
N ASN A 12 -1.37 -4.51 10.49
CA ASN A 12 -0.85 -5.86 10.83
C ASN A 12 -0.37 -5.85 12.29
N MET A 13 -1.02 -6.65 13.15
CA MET A 13 -0.79 -6.65 14.61
C MET A 13 0.06 -7.87 15.01
N GLU A 14 0.82 -8.41 14.04
CA GLU A 14 1.77 -9.54 14.27
C GLU A 14 2.88 -9.10 15.21
N LYS A 15 3.33 -7.84 15.09
CA LYS A 15 4.56 -7.31 15.76
C LYS A 15 4.16 -6.33 16.88
N TYR A 16 2.87 -6.06 17.05
CA TYR A 16 2.34 -5.07 18.01
C TYR A 16 1.26 -5.70 18.89
N ASN A 17 1.25 -5.33 20.18
CA ASN A 17 0.36 -5.90 21.22
C ASN A 17 -0.71 -4.88 21.59
N PHE A 18 -0.62 -3.65 21.05
CA PHE A 18 -1.58 -2.56 21.31
C PHE A 18 -1.50 -1.50 20.20
N LEU A 19 -2.58 -0.73 20.04
CA LEU A 19 -2.68 0.36 19.04
C LEU A 19 -1.84 1.56 19.49
N GLY A 20 -1.79 1.80 20.81
CA GLY A 20 -1.12 2.97 21.41
C GLY A 20 -1.83 4.25 21.05
N ILE A 21 -3.15 4.29 21.25
CA ILE A 21 -3.98 5.53 21.12
C ILE A 21 -4.72 5.77 22.43
N SER A 22 -4.92 7.05 22.77
CA SER A 22 -5.88 7.51 23.81
CA SER A 22 -5.88 7.50 23.80
C SER A 22 -7.04 8.25 23.14
N ILE A 23 -8.27 7.86 23.43
CA ILE A 23 -9.50 8.45 22.81
C ILE A 23 -10.20 9.35 23.83
N VAL A 24 -10.60 10.53 23.39
CA VAL A 24 -11.26 11.58 24.24
C VAL A 24 -12.60 11.93 23.60
N GLY A 25 -13.58 12.31 24.43
CA GLY A 25 -14.88 12.85 24.00
C GLY A 25 -15.81 11.76 23.51
N GLN A 26 -17.04 12.15 23.15
CA GLN A 26 -18.06 11.29 22.51
C GLN A 26 -19.11 12.20 21.87
N SER A 27 -19.90 11.67 20.94
CA SER A 27 -21.14 12.33 20.42
C SER A 27 -22.03 12.76 21.59
N ASN A 28 -22.46 14.02 21.59
CA ASN A 28 -23.32 14.61 22.66
C ASN A 28 -24.77 14.19 22.42
N ASP A 32 -22.78 16.75 15.93
CA ASP A 32 -22.97 15.97 17.18
CA ASP A 32 -22.98 16.01 17.21
C ASP A 32 -21.62 15.71 17.84
N GLY A 33 -20.53 16.06 17.14
CA GLY A 33 -19.14 15.78 17.56
C GLY A 33 -18.77 14.33 17.31
N GLY A 34 -18.06 13.70 18.25
CA GLY A 34 -17.73 12.26 18.21
C GLY A 34 -16.53 11.94 19.07
N ILE A 35 -15.90 10.78 18.80
CA ILE A 35 -14.71 10.26 19.54
C ILE A 35 -13.45 10.62 18.77
N TYR A 36 -12.49 11.27 19.43
CA TYR A 36 -11.22 11.78 18.83
C TYR A 36 -10.03 10.98 19.36
N ILE A 37 -8.98 10.87 18.55
CA ILE A 37 -7.61 10.48 18.98
C ILE A 37 -7.00 11.63 19.78
N GLY A 38 -6.97 11.50 21.11
CA GLY A 38 -6.38 12.49 22.02
C GLY A 38 -4.87 12.54 21.90
N SER A 39 -4.22 11.37 21.87
CA SER A 39 -2.75 11.21 21.82
C SER A 39 -2.39 9.85 21.21
N ILE A 40 -1.16 9.72 20.72
CA ILE A 40 -0.62 8.46 20.13
C ILE A 40 0.71 8.12 20.82
N MET A 41 0.80 6.91 21.36
CA MET A 41 1.94 6.45 22.19
C MET A 41 2.95 5.72 21.28
N LYS A 42 4.21 6.18 21.27
CA LYS A 42 5.35 5.48 20.62
C LYS A 42 5.45 4.06 21.18
N GLY A 43 5.61 3.07 20.30
CA GLY A 43 5.66 1.64 20.65
C GLY A 43 4.42 0.90 20.17
N GLY A 44 3.33 1.63 19.94
CA GLY A 44 2.05 1.08 19.43
C GLY A 44 2.03 0.97 17.92
N ALA A 45 1.07 0.24 17.37
CA ALA A 45 0.92 -0.02 15.92
C ALA A 45 0.60 1.28 15.18
N VAL A 46 -0.20 2.16 15.78
CA VAL A 46 -0.72 3.39 15.12
C VAL A 46 0.45 4.36 14.89
N ALA A 47 1.31 4.54 15.89
CA ALA A 47 2.52 5.40 15.83
C ALA A 47 3.41 4.94 14.68
N ALA A 48 3.67 3.63 14.60
CA ALA A 48 4.58 3.00 13.61
C ALA A 48 4.05 3.24 12.19
N ASP A 49 2.74 3.16 12.01
CA ASP A 49 2.06 3.32 10.69
C ASP A 49 2.15 4.79 10.25
N GLY A 50 1.79 5.72 11.14
CA GLY A 50 2.17 7.15 11.05
C GLY A 50 1.07 8.01 10.44
N ARG A 51 0.01 7.37 9.91
CA ARG A 51 -1.03 8.06 9.09
C ARG A 51 -2.05 8.74 9.99
N ILE A 52 -2.47 8.07 11.08
CA ILE A 52 -3.43 8.61 12.07
C ILE A 52 -2.70 9.59 12.99
N GLU A 53 -3.31 10.75 13.24
CA GLU A 53 -2.71 11.88 14.00
C GLU A 53 -3.66 12.28 15.13
N PRO A 54 -3.14 12.86 16.24
CA PRO A 54 -4.00 13.47 17.25
C PRO A 54 -4.98 14.47 16.63
N GLY A 55 -6.26 14.39 17.01
CA GLY A 55 -7.33 15.28 16.54
C GLY A 55 -8.19 14.62 15.49
N ASP A 56 -7.71 13.53 14.88
CA ASP A 56 -8.51 12.68 13.96
C ASP A 56 -9.72 12.13 14.72
N MET A 57 -10.88 12.13 14.07
CA MET A 57 -12.14 11.55 14.63
C MET A 57 -12.24 10.07 14.23
N LEU A 58 -12.39 9.19 15.21
CA LEU A 58 -12.51 7.72 15.00
C LEU A 58 -13.95 7.38 14.61
N LEU A 59 -14.16 6.93 13.37
CA LEU A 59 -15.49 6.66 12.78
C LEU A 59 -15.84 5.18 12.92
N GLN A 60 -14.88 4.29 12.66
CA GLN A 60 -15.13 2.84 12.45
C GLN A 60 -13.88 2.04 12.81
N VAL A 61 -14.06 0.89 13.47
CA VAL A 61 -13.01 -0.13 13.71
C VAL A 61 -13.60 -1.51 13.38
N ASN A 62 -12.99 -2.22 12.43
CA ASN A 62 -13.38 -3.61 12.03
C ASN A 62 -14.90 -3.66 11.85
N GLU A 63 -15.46 -2.69 11.13
CA GLU A 63 -16.85 -2.70 10.61
C GLU A 63 -17.84 -2.30 11.71
N ILE A 64 -17.35 -1.90 12.88
CA ILE A 64 -18.17 -1.36 14.00
CA ILE A 64 -18.18 -1.37 14.00
C ILE A 64 -18.20 0.17 13.91
N ASN A 65 -19.38 0.75 13.87
CA ASN A 65 -19.63 2.22 13.81
C ASN A 65 -19.35 2.83 15.19
N PHE A 66 -18.39 3.76 15.28
CA PHE A 66 -17.98 4.46 16.52
C PHE A 66 -18.65 5.83 16.58
N GLU A 67 -19.36 6.21 15.50
CA GLU A 67 -20.34 7.33 15.49
C GLU A 67 -21.47 7.01 16.48
N ASN A 68 -21.80 7.95 17.36
CA ASN A 68 -22.94 7.86 18.31
C ASN A 68 -22.65 6.74 19.33
N MET A 69 -21.37 6.53 19.65
CA MET A 69 -20.93 5.57 20.71
C MET A 69 -20.29 6.36 21.86
N SER A 70 -20.62 5.99 23.10
CA SER A 70 -20.04 6.59 24.34
C SER A 70 -18.55 6.25 24.43
N ASN A 71 -17.77 7.09 25.11
CA ASN A 71 -16.30 6.92 25.28
C ASN A 71 -16.03 5.60 26.01
N ASP A 72 -16.77 5.34 27.09
CA ASP A 72 -16.67 4.09 27.90
C ASP A 72 -16.86 2.88 26.99
N ASP A 73 -17.90 2.91 26.15
CA ASP A 73 -18.28 1.81 25.23
C ASP A 73 -17.17 1.61 24.20
N ALA A 74 -16.63 2.72 23.66
CA ALA A 74 -15.58 2.73 22.62
C ALA A 74 -14.30 2.06 23.16
N VAL A 75 -13.90 2.40 24.39
CA VAL A 75 -12.71 1.81 25.07
C VAL A 75 -12.91 0.30 25.17
N ARG A 76 -14.09 -0.14 25.61
CA ARG A 76 -14.41 -1.58 25.86
C ARG A 76 -14.36 -2.35 24.55
N VAL A 77 -14.90 -1.77 23.46
CA VAL A 77 -14.94 -2.40 22.11
C VAL A 77 -13.50 -2.49 21.58
N LEU A 78 -12.73 -1.40 21.68
CA LEU A 78 -11.31 -1.34 21.24
C LEU A 78 -10.51 -2.43 21.96
N ARG A 79 -10.74 -2.57 23.27
CA ARG A 79 -10.04 -3.59 24.12
C ARG A 79 -10.36 -4.99 23.59
N GLU A 80 -11.63 -5.28 23.32
CA GLU A 80 -12.12 -6.61 22.86
C GLU A 80 -11.45 -6.95 21.52
N ILE A 81 -11.36 -5.96 20.62
CA ILE A 81 -10.79 -6.12 19.25
C ILE A 81 -9.28 -6.37 19.36
N VAL A 82 -8.58 -5.58 20.18
CA VAL A 82 -7.10 -5.61 20.29
C VAL A 82 -6.66 -6.91 20.97
N HIS A 83 -7.53 -7.50 21.79
CA HIS A 83 -7.23 -8.71 22.60
C HIS A 83 -7.50 -9.98 21.77
N LYS A 84 -7.98 -9.81 20.52
CA LYS A 84 -8.23 -10.92 19.57
C LYS A 84 -7.23 -10.83 18.43
N PRO A 85 -6.82 -11.98 17.85
CA PRO A 85 -5.88 -11.98 16.73
C PRO A 85 -6.48 -11.31 15.49
N GLY A 86 -5.64 -10.97 14.52
CA GLY A 86 -6.06 -10.49 13.18
C GLY A 86 -5.72 -9.02 12.99
N PRO A 87 -5.67 -8.54 11.72
CA PRO A 87 -5.42 -7.12 11.45
C PRO A 87 -6.57 -6.24 11.96
N ILE A 88 -6.26 -5.01 12.34
CA ILE A 88 -7.25 -4.00 12.85
C ILE A 88 -7.34 -2.85 11.83
N THR A 89 -8.54 -2.62 11.30
CA THR A 89 -8.84 -1.57 10.30
C THR A 89 -9.53 -0.38 10.99
N LEU A 90 -8.82 0.74 11.12
CA LEU A 90 -9.38 2.01 11.65
CA LEU A 90 -9.37 2.02 11.65
C LEU A 90 -9.72 2.94 10.48
N THR A 91 -10.93 3.51 10.49
CA THR A 91 -11.34 4.61 9.57
C THR A 91 -11.55 5.89 10.40
N VAL A 92 -10.83 6.96 10.04
CA VAL A 92 -10.82 8.24 10.78
C VAL A 92 -11.18 9.37 9.82
N ALA A 93 -11.75 10.46 10.34
CA ALA A 93 -11.90 11.78 9.66
C ALA A 93 -10.77 12.70 10.12
N LYS A 94 -9.94 13.14 9.17
CA LYS A 94 -8.75 14.01 9.44
C LYS A 94 -9.23 15.39 9.92
N SER A 95 -8.50 15.99 10.86
CA SER A 95 -8.78 17.33 11.43
C SER A 95 -8.50 18.42 10.38
N SER B 3 -25.10 10.98 10.30
CA SER B 3 -24.17 11.96 9.67
C SER B 3 -23.53 11.33 8.42
N LEU B 4 -22.38 10.66 8.59
CA LEU B 4 -21.65 9.96 7.51
C LEU B 4 -21.95 8.46 7.58
N ASN B 5 -22.43 7.88 6.47
CA ASN B 5 -22.62 6.42 6.29
C ASN B 5 -21.39 5.87 5.54
N ILE B 6 -20.30 5.59 6.26
CA ILE B 6 -19.03 5.04 5.71
C ILE B 6 -19.09 3.51 5.79
N ILE B 7 -18.78 2.83 4.68
CA ILE B 7 -18.61 1.35 4.62
C ILE B 7 -17.24 1.04 3.99
N THR B 8 -16.51 0.09 4.60
CA THR B 8 -15.24 -0.48 4.08
C THR B 8 -15.54 -1.83 3.43
N VAL B 9 -15.42 -1.91 2.11
CA VAL B 9 -15.79 -3.10 1.27
C VAL B 9 -14.51 -3.81 0.84
N THR B 10 -14.20 -4.95 1.48
CA THR B 10 -13.05 -5.81 1.11
C THR B 10 -13.51 -6.89 0.12
N LEU B 11 -12.99 -6.84 -1.11
CA LEU B 11 -13.23 -7.82 -2.20
C LEU B 11 -11.99 -8.70 -2.36
N ASN B 12 -12.10 -10.00 -2.12
CA ASN B 12 -10.94 -10.94 -2.10
C ASN B 12 -10.39 -11.08 -3.52
N MET B 13 -11.22 -10.82 -4.55
CA MET B 13 -10.86 -10.87 -5.99
C MET B 13 -10.35 -12.27 -6.34
N GLU B 14 -10.75 -13.29 -5.56
CA GLU B 14 -10.45 -14.72 -5.83
C GLU B 14 -11.26 -15.18 -7.05
N LYS B 15 -12.48 -14.68 -7.20
CA LYS B 15 -13.49 -15.19 -8.17
C LYS B 15 -13.78 -14.15 -9.24
N TYR B 16 -13.26 -12.92 -9.08
CA TYR B 16 -13.47 -11.79 -10.02
C TYR B 16 -12.13 -11.14 -10.36
N ASN B 17 -12.00 -10.62 -11.58
CA ASN B 17 -10.73 -10.06 -12.13
C ASN B 17 -10.98 -8.62 -12.63
N PHE B 18 -12.08 -8.00 -12.20
CA PHE B 18 -12.33 -6.54 -12.34
C PHE B 18 -13.41 -6.11 -11.33
N LEU B 19 -13.42 -4.82 -10.99
CA LEU B 19 -14.37 -4.21 -10.02
C LEU B 19 -15.74 -4.04 -10.69
N GLY B 20 -15.75 -3.60 -11.95
CA GLY B 20 -16.98 -3.32 -12.71
C GLY B 20 -17.66 -2.05 -12.22
N ILE B 21 -16.90 -0.95 -12.12
CA ILE B 21 -17.43 0.41 -11.79
C ILE B 21 -16.92 1.41 -12.84
N SER B 22 -17.70 2.46 -13.09
CA SER B 22 -17.24 3.74 -13.67
C SER B 22 -17.28 4.83 -12.58
N ILE B 23 -16.38 5.81 -12.64
CA ILE B 23 -16.30 6.91 -11.65
C ILE B 23 -16.40 8.25 -12.37
N VAL B 24 -17.07 9.21 -11.74
CA VAL B 24 -17.30 10.59 -12.27
C VAL B 24 -16.80 11.59 -11.21
N GLY B 25 -16.47 12.81 -11.65
CA GLY B 25 -16.04 13.92 -10.78
C GLY B 25 -14.56 13.83 -10.45
N GLN B 26 -14.10 14.70 -9.54
CA GLN B 26 -12.67 14.85 -9.15
C GLN B 26 -12.62 15.18 -7.66
N SER B 27 -11.45 15.09 -7.05
CA SER B 27 -11.19 15.49 -5.63
C SER B 27 -11.69 16.93 -5.42
N ASN B 28 -12.38 17.16 -4.29
CA ASN B 28 -12.67 18.52 -3.76
C ASN B 28 -11.34 19.25 -3.53
N GLU B 29 -11.40 20.57 -3.32
CA GLU B 29 -10.22 21.44 -3.06
C GLU B 29 -9.44 20.87 -1.86
N ARG B 30 -10.16 20.46 -0.81
CA ARG B 30 -9.59 19.82 0.41
C ARG B 30 -10.27 18.46 0.62
N GLY B 31 -9.53 17.49 1.16
CA GLY B 31 -10.05 16.15 1.52
C GLY B 31 -10.14 15.24 0.31
N ASP B 32 -10.87 14.12 0.44
CA ASP B 32 -10.89 13.03 -0.57
C ASP B 32 -12.35 12.70 -0.95
N GLY B 33 -13.24 13.69 -0.84
CA GLY B 33 -14.60 13.66 -1.41
C GLY B 33 -14.60 14.16 -2.85
N GLY B 34 -15.71 13.95 -3.58
CA GLY B 34 -15.98 14.59 -4.87
C GLY B 34 -15.97 13.61 -6.02
N ILE B 35 -15.46 12.38 -5.79
CA ILE B 35 -15.40 11.31 -6.83
C ILE B 35 -16.46 10.26 -6.51
N TYR B 36 -17.39 10.02 -7.44
CA TYR B 36 -18.61 9.22 -7.24
C TYR B 36 -18.56 7.98 -8.14
N ILE B 37 -19.17 6.88 -7.67
CA ILE B 37 -19.57 5.71 -8.52
C ILE B 37 -20.64 6.17 -9.49
N GLY B 38 -20.28 6.30 -10.78
CA GLY B 38 -21.21 6.71 -11.86
C GLY B 38 -22.15 5.58 -12.25
N SER B 39 -21.62 4.35 -12.32
CA SER B 39 -22.36 3.13 -12.71
C SER B 39 -21.66 1.89 -12.15
N ILE B 40 -22.40 0.79 -12.02
CA ILE B 40 -21.87 -0.56 -11.67
C ILE B 40 -22.34 -1.54 -12.74
N MET B 41 -21.42 -2.35 -13.28
CA MET B 41 -21.70 -3.29 -14.39
C MET B 41 -21.69 -4.73 -13.86
N LYS B 42 -22.55 -5.57 -14.42
CA LYS B 42 -22.67 -7.02 -14.08
C LYS B 42 -21.30 -7.69 -14.20
N GLY B 43 -21.06 -8.73 -13.39
CA GLY B 43 -19.97 -9.70 -13.59
C GLY B 43 -18.67 -9.25 -12.92
N GLY B 44 -18.68 -8.07 -12.31
CA GLY B 44 -17.56 -7.53 -11.52
C GLY B 44 -17.70 -7.84 -10.05
N ALA B 45 -16.65 -7.61 -9.25
CA ALA B 45 -16.59 -7.92 -7.81
C ALA B 45 -17.58 -7.02 -7.05
N VAL B 46 -17.76 -5.79 -7.50
CA VAL B 46 -18.58 -4.75 -6.79
C VAL B 46 -20.05 -5.13 -6.87
N ALA B 47 -20.52 -5.54 -8.05
CA ALA B 47 -21.90 -6.02 -8.30
C ALA B 47 -22.17 -7.26 -7.45
N ALA B 48 -21.23 -8.22 -7.44
CA ALA B 48 -21.32 -9.50 -6.71
C ALA B 48 -21.46 -9.23 -5.21
N ASP B 49 -20.69 -8.28 -4.68
CA ASP B 49 -20.67 -7.90 -3.24
C ASP B 49 -21.99 -7.24 -2.87
N GLY B 50 -22.41 -6.24 -3.65
CA GLY B 50 -23.80 -5.72 -3.69
C GLY B 50 -23.99 -4.49 -2.83
N ARG B 51 -22.96 -4.10 -2.06
CA ARG B 51 -23.05 -3.03 -1.03
C ARG B 51 -22.95 -1.66 -1.70
N ILE B 52 -21.98 -1.49 -2.61
CA ILE B 52 -21.71 -0.20 -3.29
C ILE B 52 -22.76 0.03 -4.38
N GLU B 53 -23.31 1.24 -4.44
CA GLU B 53 -24.39 1.64 -5.38
C GLU B 53 -23.94 2.86 -6.18
N PRO B 54 -24.48 3.07 -7.40
CA PRO B 54 -24.27 4.32 -8.12
C PRO B 54 -24.67 5.52 -7.25
N GLY B 55 -23.82 6.54 -7.20
CA GLY B 55 -24.04 7.78 -6.43
C GLY B 55 -23.29 7.76 -5.11
N ASP B 56 -22.81 6.59 -4.68
CA ASP B 56 -21.87 6.44 -3.54
C ASP B 56 -20.57 7.18 -3.90
N MET B 57 -19.91 7.75 -2.89
CA MET B 57 -18.66 8.54 -3.05
CA MET B 57 -18.66 8.54 -3.05
C MET B 57 -17.46 7.66 -2.67
N LEU B 58 -16.55 7.45 -3.62
CA LEU B 58 -15.36 6.57 -3.45
C LEU B 58 -14.20 7.40 -2.90
N LEU B 59 -13.76 7.08 -1.68
CA LEU B 59 -12.80 7.91 -0.88
C LEU B 59 -11.39 7.32 -0.99
N GLN B 60 -11.28 5.99 -1.04
CA GLN B 60 -9.97 5.28 -0.89
C GLN B 60 -10.06 3.91 -1.57
N VAL B 61 -8.96 3.51 -2.23
CA VAL B 61 -8.74 2.13 -2.75
C VAL B 61 -7.41 1.63 -2.18
N ASN B 62 -7.45 0.51 -1.44
CA ASN B 62 -6.29 -0.04 -0.69
C ASN B 62 -5.69 1.10 0.16
N GLU B 63 -4.46 1.54 -0.12
CA GLU B 63 -3.70 2.50 0.73
CA GLU B 63 -3.73 2.50 0.75
C GLU B 63 -3.75 3.89 0.10
N ILE B 64 -4.46 4.05 -1.03
CA ILE B 64 -4.49 5.31 -1.82
C ILE B 64 -5.84 6.01 -1.62
N ASN B 65 -5.83 7.18 -0.97
CA ASN B 65 -7.02 8.06 -0.78
CA ASN B 65 -7.04 8.02 -0.80
C ASN B 65 -7.11 9.02 -1.97
N PHE B 66 -8.34 9.37 -2.37
CA PHE B 66 -8.64 10.22 -3.55
C PHE B 66 -8.60 11.69 -3.15
N GLU B 67 -7.42 12.15 -2.67
CA GLU B 67 -7.12 13.56 -2.35
C GLU B 67 -6.24 14.15 -3.46
N ASN B 68 -6.60 15.34 -3.94
CA ASN B 68 -5.79 16.16 -4.88
C ASN B 68 -5.78 15.53 -6.27
N MET B 69 -6.78 14.69 -6.58
CA MET B 69 -6.79 13.84 -7.80
C MET B 69 -7.85 14.34 -8.78
N SER B 70 -7.47 14.49 -10.05
CA SER B 70 -8.37 14.57 -11.23
C SER B 70 -9.07 13.22 -11.44
N ASN B 71 -10.10 13.19 -12.27
CA ASN B 71 -10.79 11.94 -12.69
C ASN B 71 -9.77 10.99 -13.31
N ASP B 72 -8.92 11.50 -14.21
CA ASP B 72 -7.88 10.71 -14.93
C ASP B 72 -6.95 10.06 -13.90
N ASP B 73 -6.53 10.82 -12.89
CA ASP B 73 -5.67 10.34 -11.77
C ASP B 73 -6.34 9.11 -11.12
N ALA B 74 -7.61 9.26 -10.73
CA ALA B 74 -8.38 8.25 -9.97
C ALA B 74 -8.54 6.98 -10.81
N VAL B 75 -8.79 7.13 -12.11
CA VAL B 75 -8.93 6.00 -13.07
C VAL B 75 -7.59 5.25 -13.16
N ARG B 76 -6.48 6.00 -13.22
CA ARG B 76 -5.10 5.45 -13.26
C ARG B 76 -4.85 4.59 -12.02
N VAL B 77 -5.24 5.09 -10.84
CA VAL B 77 -5.11 4.37 -9.54
C VAL B 77 -5.84 3.03 -9.65
N LEU B 78 -7.13 3.06 -10.03
CA LEU B 78 -8.00 1.85 -10.13
C LEU B 78 -7.37 0.85 -11.10
N ARG B 79 -6.86 1.34 -12.23
CA ARG B 79 -6.25 0.52 -13.31
C ARG B 79 -5.05 -0.25 -12.73
N GLU B 80 -4.24 0.41 -11.92
CA GLU B 80 -2.92 -0.13 -11.46
CA GLU B 80 -2.92 -0.12 -11.44
C GLU B 80 -3.15 -1.13 -10.33
N ILE B 81 -4.21 -0.95 -9.54
CA ILE B 81 -4.54 -1.80 -8.36
C ILE B 81 -5.20 -3.10 -8.83
N VAL B 82 -6.11 -3.00 -9.80
CA VAL B 82 -6.95 -4.15 -10.28
C VAL B 82 -6.05 -5.10 -11.10
N HIS B 83 -5.04 -4.56 -11.79
CA HIS B 83 -4.08 -5.32 -12.63
C HIS B 83 -3.16 -6.16 -11.74
N LYS B 84 -2.83 -5.66 -10.55
CA LYS B 84 -2.15 -6.43 -9.46
C LYS B 84 -3.13 -7.43 -8.88
N PRO B 85 -2.74 -8.73 -8.76
CA PRO B 85 -3.52 -9.69 -8.00
C PRO B 85 -3.55 -9.36 -6.50
N GLY B 86 -4.61 -9.80 -5.80
CA GLY B 86 -4.76 -9.67 -4.34
C GLY B 86 -6.06 -8.98 -3.96
N PRO B 87 -6.44 -8.98 -2.66
CA PRO B 87 -7.68 -8.34 -2.22
C PRO B 87 -7.67 -6.81 -2.42
N ILE B 88 -8.82 -6.25 -2.74
CA ILE B 88 -9.03 -4.78 -2.91
C ILE B 88 -10.04 -4.30 -1.85
N THR B 89 -9.66 -3.30 -1.05
CA THR B 89 -10.54 -2.63 -0.06
C THR B 89 -10.94 -1.25 -0.58
N LEU B 90 -12.24 -1.03 -0.78
CA LEU B 90 -12.83 0.29 -1.12
C LEU B 90 -13.48 0.89 0.14
N THR B 91 -13.15 2.14 0.45
CA THR B 91 -13.88 2.99 1.44
C THR B 91 -14.80 3.94 0.68
N VAL B 92 -16.11 3.82 0.88
CA VAL B 92 -17.14 4.69 0.22
C VAL B 92 -18.02 5.33 1.29
N ALA B 93 -18.43 6.58 1.04
CA ALA B 93 -19.55 7.26 1.75
C ALA B 93 -20.85 7.01 0.98
N LYS B 94 -21.84 6.40 1.64
CA LYS B 94 -23.19 6.15 1.08
C LYS B 94 -23.87 7.49 0.80
N SER B 95 -24.59 7.59 -0.33
CA SER B 95 -25.39 8.77 -0.73
C SER B 95 -26.61 8.91 0.19
N SER C 3 27.58 19.24 -18.75
CA SER C 3 27.10 18.27 -19.77
C SER C 3 25.92 17.46 -19.22
N LEU C 4 26.18 16.55 -18.28
CA LEU C 4 25.13 15.84 -17.49
C LEU C 4 24.56 16.79 -16.45
N ASN C 5 23.26 17.08 -16.54
CA ASN C 5 22.54 18.02 -15.64
C ASN C 5 21.71 17.22 -14.64
N ILE C 6 22.24 17.02 -13.43
CA ILE C 6 21.55 16.31 -12.31
C ILE C 6 20.85 17.36 -11.43
N ILE C 7 19.58 17.12 -11.10
CA ILE C 7 18.81 17.90 -10.09
C ILE C 7 18.35 16.96 -8.98
N THR C 8 18.44 17.41 -7.73
CA THR C 8 17.92 16.73 -6.52
C THR C 8 16.62 17.42 -6.09
N VAL C 9 15.49 16.70 -6.14
CA VAL C 9 14.14 17.21 -5.78
C VAL C 9 13.67 16.50 -4.51
N THR C 10 13.71 17.20 -3.36
CA THR C 10 13.25 16.70 -2.04
C THR C 10 11.82 17.18 -1.80
N LEU C 11 10.88 16.25 -1.63
CA LEU C 11 9.42 16.51 -1.61
C LEU C 11 8.88 16.28 -0.20
N ASN C 12 8.29 17.31 0.40
CA ASN C 12 7.61 17.26 1.72
C ASN C 12 6.23 16.60 1.55
N MET C 13 6.10 15.36 2.02
CA MET C 13 4.89 14.50 1.80
C MET C 13 3.97 14.60 3.02
N GLU C 14 4.23 15.54 3.93
CA GLU C 14 3.22 16.12 4.87
C GLU C 14 2.12 16.80 4.05
N LYS C 15 2.51 17.41 2.93
CA LYS C 15 1.73 18.44 2.18
C LYS C 15 1.01 17.77 1.02
N TYR C 16 1.52 16.62 0.56
CA TYR C 16 1.11 15.93 -0.69
C TYR C 16 0.97 14.43 -0.41
N ASN C 17 0.00 13.78 -1.05
CA ASN C 17 -0.38 12.36 -0.79
C ASN C 17 0.18 11.47 -1.90
N PHE C 18 0.67 12.06 -3.00
CA PHE C 18 1.32 11.31 -4.12
C PHE C 18 2.32 12.21 -4.84
N LEU C 19 3.31 11.58 -5.50
CA LEU C 19 4.35 12.25 -6.32
C LEU C 19 3.70 12.82 -7.59
N GLY C 20 2.79 12.06 -8.19
CA GLY C 20 2.12 12.42 -9.46
C GLY C 20 3.07 12.30 -10.63
N ILE C 21 3.74 11.15 -10.76
CA ILE C 21 4.57 10.78 -11.94
C ILE C 21 4.13 9.40 -12.43
N SER C 22 4.18 9.18 -13.74
CA SER C 22 4.29 7.84 -14.39
C SER C 22 5.72 7.63 -14.87
N ILE C 23 6.22 6.40 -14.79
CA ILE C 23 7.61 6.02 -15.19
C ILE C 23 7.53 4.96 -16.30
N VAL C 24 8.43 5.06 -17.28
CA VAL C 24 8.52 4.12 -18.44
C VAL C 24 9.97 3.63 -18.54
N GLY C 25 10.17 2.47 -19.16
CA GLY C 25 11.50 1.86 -19.41
C GLY C 25 11.99 1.10 -18.20
N GLN C 26 13.22 0.57 -18.28
CA GLN C 26 13.88 -0.22 -17.21
C GLN C 26 15.39 0.01 -17.28
N SER C 27 16.11 -0.35 -16.22
CA SER C 27 17.58 -0.15 -16.07
C SER C 27 18.32 -0.75 -17.28
N GLY C 33 20.13 4.49 -14.75
CA GLY C 33 19.95 4.83 -16.19
C GLY C 33 18.96 3.89 -16.86
N GLY C 34 17.91 4.45 -17.47
CA GLY C 34 17.02 3.74 -18.41
C GLY C 34 15.56 3.88 -18.04
N ILE C 35 15.27 4.39 -16.84
CA ILE C 35 13.87 4.67 -16.38
C ILE C 35 13.59 6.18 -16.53
N TYR C 36 12.51 6.53 -17.23
CA TYR C 36 12.15 7.92 -17.61
C TYR C 36 10.83 8.32 -16.94
N ILE C 37 10.69 9.61 -16.66
CA ILE C 37 9.38 10.27 -16.33
C ILE C 37 8.54 10.30 -17.61
N GLY C 38 7.47 9.50 -17.65
CA GLY C 38 6.52 9.43 -18.78
C GLY C 38 5.61 10.63 -18.82
N SER C 39 5.10 11.05 -17.65
CA SER C 39 4.11 12.14 -17.48
C SER C 39 4.16 12.67 -16.05
N ILE C 40 3.69 13.90 -15.85
CA ILE C 40 3.56 14.55 -14.51
C ILE C 40 2.09 14.94 -14.29
N MET C 41 1.52 14.48 -13.16
CA MET C 41 0.06 14.48 -12.90
C MET C 41 -0.30 15.68 -12.02
N LYS C 42 -1.29 16.45 -12.46
CA LYS C 42 -1.94 17.54 -11.68
C LYS C 42 -2.20 17.04 -10.25
N GLY C 43 -1.82 17.84 -9.25
CA GLY C 43 -2.15 17.62 -7.83
C GLY C 43 -1.02 16.95 -7.07
N GLY C 44 0.01 16.49 -7.79
CA GLY C 44 1.14 15.74 -7.22
C GLY C 44 2.21 16.67 -6.66
N ALA C 45 3.09 16.15 -5.80
CA ALA C 45 4.21 16.89 -5.19
C ALA C 45 5.20 17.34 -6.28
N VAL C 46 5.40 16.51 -7.30
CA VAL C 46 6.42 16.75 -8.36
C VAL C 46 5.98 17.95 -9.23
N ALA C 47 4.69 18.02 -9.58
CA ALA C 47 4.08 19.14 -10.33
C ALA C 47 4.25 20.44 -9.55
N ALA C 48 3.98 20.40 -8.23
CA ALA C 48 4.06 21.56 -7.32
C ALA C 48 5.49 22.11 -7.30
N ASP C 49 6.48 21.22 -7.27
CA ASP C 49 7.92 21.58 -7.26
C ASP C 49 8.30 22.21 -8.61
N GLY C 50 7.95 21.53 -9.72
CA GLY C 50 7.86 22.13 -11.06
C GLY C 50 9.12 21.91 -11.89
N ARG C 51 10.17 21.34 -11.28
CA ARG C 51 11.53 21.25 -11.89
C ARG C 51 11.60 20.04 -12.82
N ILE C 52 11.08 18.90 -12.38
CA ILE C 52 11.10 17.61 -13.15
C ILE C 52 10.11 17.73 -14.31
N GLU C 53 10.51 17.28 -15.51
CA GLU C 53 9.71 17.34 -16.75
C GLU C 53 9.64 15.93 -17.35
N PRO C 54 8.57 15.62 -18.12
CA PRO C 54 8.54 14.38 -18.91
C PRO C 54 9.78 14.26 -19.79
N GLY C 55 10.38 13.06 -19.84
CA GLY C 55 11.58 12.75 -20.63
C GLY C 55 12.84 12.76 -19.78
N ASP C 56 12.78 13.38 -18.60
CA ASP C 56 13.85 13.32 -17.57
C ASP C 56 14.05 11.85 -17.16
N MET C 57 15.27 11.48 -16.80
CA MET C 57 15.63 10.10 -16.35
C MET C 57 15.67 10.07 -14.82
N LEU C 58 14.91 9.17 -14.21
CA LEU C 58 14.87 8.95 -12.74
C LEU C 58 15.97 7.97 -12.34
N LEU C 59 17.01 8.47 -11.66
CA LEU C 59 18.25 7.71 -11.33
C LEU C 59 18.09 7.03 -9.97
N GLN C 60 17.58 7.76 -8.98
CA GLN C 60 17.52 7.33 -7.56
C GLN C 60 16.22 7.82 -6.92
N VAL C 61 15.68 7.06 -5.98
CA VAL C 61 14.65 7.51 -4.99
C VAL C 61 15.23 7.31 -3.58
N ASN C 62 15.34 8.40 -2.81
CA ASN C 62 16.15 8.45 -1.58
C ASN C 62 17.57 7.95 -1.90
N GLU C 63 18.02 6.89 -1.22
CA GLU C 63 19.37 6.28 -1.45
C GLU C 63 19.21 4.91 -2.12
N ILE C 64 18.06 4.67 -2.76
CA ILE C 64 17.80 3.46 -3.60
C ILE C 64 18.17 3.78 -5.06
N ASN C 65 19.19 3.12 -5.58
CA ASN C 65 19.63 3.21 -6.99
C ASN C 65 18.59 2.50 -7.88
N PHE C 66 18.03 3.22 -8.86
CA PHE C 66 17.11 2.67 -9.89
C PHE C 66 17.92 2.20 -11.10
N GLU C 67 18.91 1.34 -10.84
CA GLU C 67 19.64 0.53 -11.87
C GLU C 67 19.60 -0.95 -11.46
N ASN C 68 19.73 -1.85 -12.43
CA ASN C 68 19.51 -3.31 -12.27
C ASN C 68 18.08 -3.54 -11.77
N MET C 69 17.13 -2.72 -12.23
CA MET C 69 15.72 -2.70 -11.75
C MET C 69 14.77 -2.68 -12.95
N SER C 70 13.79 -3.59 -12.98
CA SER C 70 12.66 -3.62 -13.95
C SER C 70 11.74 -2.43 -13.69
N ASN C 71 10.83 -2.15 -14.63
CA ASN C 71 9.79 -1.09 -14.50
C ASN C 71 8.86 -1.46 -13.34
N ASP C 72 8.49 -2.74 -13.23
CA ASP C 72 7.54 -3.25 -12.21
CA ASP C 72 7.53 -3.24 -12.22
C ASP C 72 8.13 -3.05 -10.81
N ASP C 73 9.41 -3.39 -10.65
CA ASP C 73 10.16 -3.29 -9.37
C ASP C 73 10.24 -1.81 -8.96
N ALA C 74 10.48 -0.92 -9.93
CA ALA C 74 10.59 0.55 -9.74
C ALA C 74 9.25 1.10 -9.24
N VAL C 75 8.14 0.67 -9.85
CA VAL C 75 6.76 1.11 -9.51
C VAL C 75 6.44 0.66 -8.07
N ARG C 76 6.83 -0.56 -7.71
CA ARG C 76 6.58 -1.14 -6.36
CA ARG C 76 6.59 -1.15 -6.36
C ARG C 76 7.29 -0.28 -5.30
N VAL C 77 8.59 -0.06 -5.48
CA VAL C 77 9.46 0.72 -4.53
C VAL C 77 8.82 2.10 -4.30
N LEU C 78 8.43 2.78 -5.37
CA LEU C 78 7.83 4.15 -5.32
C LEU C 78 6.55 4.11 -4.49
N ARG C 79 5.68 3.12 -4.73
CA ARG C 79 4.38 2.96 -4.02
C ARG C 79 4.67 2.76 -2.52
N GLU C 80 5.62 1.89 -2.18
CA GLU C 80 6.01 1.56 -0.79
C GLU C 80 6.49 2.83 -0.08
N ILE C 81 7.38 3.60 -0.72
CA ILE C 81 8.04 4.79 -0.13
C ILE C 81 7.00 5.88 0.10
N VAL C 82 6.03 6.01 -0.81
CA VAL C 82 5.01 7.09 -0.82
C VAL C 82 4.06 6.90 0.37
N HIS C 83 3.89 5.66 0.83
CA HIS C 83 2.89 5.27 1.85
C HIS C 83 3.59 4.87 3.16
N LYS C 84 4.89 5.15 3.26
CA LYS C 84 5.63 5.16 4.56
C LYS C 84 5.99 6.60 4.91
N PRO C 85 6.21 6.91 6.20
CA PRO C 85 6.50 8.27 6.64
C PRO C 85 7.82 8.79 6.03
N GLY C 86 8.00 10.11 5.98
CA GLY C 86 9.29 10.77 5.74
C GLY C 86 9.30 11.51 4.41
N PRO C 87 10.33 12.36 4.16
CA PRO C 87 10.48 13.04 2.89
C PRO C 87 10.92 12.08 1.78
N ILE C 88 10.65 12.42 0.52
CA ILE C 88 11.08 11.63 -0.67
C ILE C 88 12.01 12.50 -1.52
N THR C 89 13.23 12.02 -1.77
CA THR C 89 14.22 12.67 -2.68
C THR C 89 14.27 11.90 -4.00
N LEU C 90 14.00 12.59 -5.11
CA LEU C 90 14.22 12.07 -6.49
C LEU C 90 15.51 12.68 -7.05
N THR C 91 16.47 11.83 -7.42
CA THR C 91 17.69 12.20 -8.20
C THR C 91 17.41 11.98 -9.69
N VAL C 92 17.48 13.05 -10.48
CA VAL C 92 16.94 13.11 -11.88
C VAL C 92 18.02 13.70 -12.79
N ALA C 93 18.27 13.06 -13.93
CA ALA C 93 19.07 13.61 -15.05
C ALA C 93 18.15 14.29 -16.05
N LYS C 94 18.32 15.61 -16.24
CA LYS C 94 17.55 16.43 -17.21
C LYS C 94 17.83 15.91 -18.62
N SER C 95 16.79 15.78 -19.45
CA SER C 95 16.87 15.29 -20.85
C SER C 95 17.67 16.28 -21.70
N ASN D 5 27.72 -10.55 -6.64
CA ASN D 5 26.66 -10.38 -7.68
C ASN D 5 25.29 -10.58 -7.04
N ILE D 6 24.44 -9.53 -7.07
CA ILE D 6 23.00 -9.59 -6.66
C ILE D 6 22.13 -9.70 -7.92
N ILE D 7 21.34 -10.75 -8.02
CA ILE D 7 20.43 -11.02 -9.18
C ILE D 7 18.97 -11.01 -8.69
N THR D 8 18.07 -10.42 -9.47
CA THR D 8 16.61 -10.39 -9.22
C THR D 8 15.91 -11.36 -10.19
N VAL D 9 15.12 -12.30 -9.65
CA VAL D 9 14.46 -13.40 -10.41
C VAL D 9 12.95 -13.28 -10.21
N THR D 10 12.22 -12.91 -11.27
CA THR D 10 10.74 -12.89 -11.33
C THR D 10 10.24 -14.20 -11.94
N LEU D 11 9.43 -14.96 -11.18
CA LEU D 11 8.77 -16.21 -11.63
C LEU D 11 7.26 -16.00 -11.68
N ASN D 12 6.67 -16.07 -12.88
CA ASN D 12 5.21 -16.25 -13.08
C ASN D 12 4.83 -17.68 -12.71
N MET D 13 4.16 -17.86 -11.56
CA MET D 13 3.85 -19.18 -10.97
C MET D 13 2.61 -19.76 -11.64
N GLU D 14 2.70 -19.99 -12.96
CA GLU D 14 1.57 -20.50 -13.80
C GLU D 14 1.81 -21.98 -14.13
N LYS D 15 2.81 -22.26 -14.98
CA LYS D 15 3.12 -23.63 -15.48
C LYS D 15 3.94 -24.38 -14.43
N TYR D 16 4.67 -23.64 -13.58
CA TYR D 16 5.41 -24.17 -12.41
C TYR D 16 4.67 -23.78 -11.12
N ASN D 17 4.19 -24.79 -10.38
CA ASN D 17 3.14 -24.65 -9.33
C ASN D 17 3.77 -24.04 -8.08
N PHE D 18 5.00 -24.45 -7.75
CA PHE D 18 5.68 -24.16 -6.46
C PHE D 18 7.13 -23.72 -6.73
N LEU D 19 7.72 -22.97 -5.80
CA LEU D 19 9.13 -22.48 -5.86
C LEU D 19 10.08 -23.68 -5.84
N GLY D 20 9.94 -24.55 -4.83
CA GLY D 20 10.80 -25.73 -4.62
C GLY D 20 12.17 -25.32 -4.10
N ILE D 21 12.23 -24.40 -3.15
CA ILE D 21 13.45 -24.06 -2.36
C ILE D 21 13.20 -24.42 -0.89
N SER D 22 14.24 -24.93 -0.21
CA SER D 22 14.38 -24.89 1.27
C SER D 22 15.30 -23.72 1.66
N ILE D 23 14.99 -23.03 2.75
CA ILE D 23 15.83 -21.93 3.30
C ILE D 23 16.32 -22.32 4.69
N VAL D 24 17.57 -21.95 5.02
CA VAL D 24 18.25 -22.26 6.31
C VAL D 24 18.95 -20.98 6.80
N GLY D 25 19.09 -20.84 8.12
CA GLY D 25 19.87 -19.76 8.76
C GLY D 25 19.02 -18.53 9.01
N GLN D 26 19.64 -17.47 9.54
CA GLN D 26 19.00 -16.18 9.88
C GLN D 26 20.08 -15.12 10.13
N ARG D 30 21.65 -10.65 15.57
CA ARG D 30 21.84 -10.58 14.10
C ARG D 30 22.61 -9.30 13.73
N GLY D 31 23.91 -9.44 13.44
CA GLY D 31 24.68 -8.48 12.63
C GLY D 31 25.38 -9.18 11.47
N ASP D 32 25.65 -10.48 11.62
CA ASP D 32 26.39 -11.31 10.63
C ASP D 32 25.40 -12.12 9.80
N GLY D 33 25.84 -12.64 8.65
CA GLY D 33 25.19 -13.75 7.93
C GLY D 33 23.79 -13.40 7.47
N GLY D 34 22.95 -14.41 7.24
CA GLY D 34 21.52 -14.25 6.91
C GLY D 34 20.87 -15.57 6.51
N ILE D 35 19.97 -15.52 5.52
CA ILE D 35 19.08 -16.64 5.13
C ILE D 35 19.53 -17.18 3.76
N TYR D 36 19.81 -18.48 3.69
CA TYR D 36 20.45 -19.15 2.52
C TYR D 36 19.45 -20.10 1.86
N ILE D 37 19.56 -20.25 0.53
CA ILE D 37 18.96 -21.37 -0.24
C ILE D 37 19.71 -22.66 0.12
N GLY D 38 19.05 -23.54 0.89
CA GLY D 38 19.62 -24.82 1.35
C GLY D 38 19.64 -25.85 0.24
N SER D 39 18.49 -26.03 -0.44
CA SER D 39 18.31 -26.99 -1.56
C SER D 39 17.30 -26.42 -2.56
N ILE D 40 17.39 -26.86 -3.82
CA ILE D 40 16.45 -26.50 -4.92
C ILE D 40 15.86 -27.79 -5.51
N MET D 41 14.54 -27.90 -5.52
CA MET D 41 13.79 -29.10 -6.00
C MET D 41 13.59 -28.98 -7.52
N LYS D 42 14.09 -29.97 -8.28
CA LYS D 42 13.82 -30.12 -9.73
C LYS D 42 12.31 -30.25 -9.96
N GLY D 43 11.75 -29.43 -10.86
CA GLY D 43 10.31 -29.40 -11.19
C GLY D 43 9.64 -28.15 -10.64
N GLY D 44 10.28 -27.48 -9.67
CA GLY D 44 9.82 -26.21 -9.10
C GLY D 44 10.17 -25.03 -9.99
N ALA D 45 9.64 -23.85 -9.67
CA ALA D 45 9.82 -22.59 -10.44
C ALA D 45 11.31 -22.22 -10.48
N VAL D 46 11.99 -22.31 -9.34
CA VAL D 46 13.37 -21.79 -9.13
C VAL D 46 14.35 -22.60 -10.00
N ALA D 47 14.18 -23.93 -10.02
CA ALA D 47 15.03 -24.88 -10.78
C ALA D 47 14.83 -24.66 -12.28
N ALA D 48 13.59 -24.36 -12.70
CA ALA D 48 13.19 -24.11 -14.11
C ALA D 48 13.89 -22.84 -14.62
N ASP D 49 13.95 -21.80 -13.78
CA ASP D 49 14.62 -20.51 -14.09
C ASP D 49 16.13 -20.73 -14.16
N GLY D 50 16.69 -21.45 -13.18
CA GLY D 50 18.01 -22.12 -13.28
C GLY D 50 19.13 -21.25 -12.74
N ARG D 51 18.84 -20.00 -12.38
CA ARG D 51 19.84 -18.96 -12.07
C ARG D 51 20.24 -19.05 -10.59
N ILE D 52 19.26 -19.20 -9.69
CA ILE D 52 19.48 -19.29 -8.21
C ILE D 52 20.08 -20.67 -7.90
N GLU D 53 21.06 -20.71 -6.98
CA GLU D 53 21.85 -21.92 -6.63
C GLU D 53 21.84 -22.12 -5.12
N PRO D 54 22.03 -23.37 -4.64
CA PRO D 54 22.23 -23.61 -3.21
C PRO D 54 23.42 -22.81 -2.68
N GLY D 55 23.22 -22.09 -1.57
CA GLY D 55 24.26 -21.29 -0.89
C GLY D 55 24.08 -19.79 -1.16
N ASP D 56 23.29 -19.43 -2.17
CA ASP D 56 22.85 -18.03 -2.43
C ASP D 56 22.11 -17.52 -1.18
N MET D 57 22.34 -16.27 -0.80
CA MET D 57 21.66 -15.60 0.35
C MET D 57 20.39 -14.91 -0.15
N LEU D 58 19.24 -15.24 0.44
CA LEU D 58 17.92 -14.64 0.10
C LEU D 58 17.79 -13.28 0.80
N LEU D 59 17.67 -12.21 0.01
CA LEU D 59 17.66 -10.80 0.49
C LEU D 59 16.22 -10.29 0.55
N GLN D 60 15.40 -10.64 -0.45
CA GLN D 60 14.10 -10.00 -0.74
C GLN D 60 13.19 -11.00 -1.47
N VAL D 61 11.90 -11.03 -1.11
CA VAL D 61 10.82 -11.72 -1.87
C VAL D 61 9.63 -10.77 -1.99
N ASN D 62 9.28 -10.37 -3.23
CA ASN D 62 8.26 -9.34 -3.54
C ASN D 62 8.57 -8.08 -2.72
N GLU D 63 7.67 -7.71 -1.81
CA GLU D 63 7.76 -6.45 -1.01
C GLU D 63 8.66 -6.68 0.21
N ILE D 64 8.83 -7.94 0.61
CA ILE D 64 9.38 -8.34 1.94
C ILE D 64 10.90 -8.44 1.85
N ASN D 65 11.61 -7.67 2.69
CA ASN D 65 13.08 -7.75 2.89
C ASN D 65 13.38 -8.81 3.95
N PHE D 66 14.30 -9.73 3.66
CA PHE D 66 14.59 -10.95 4.46
C PHE D 66 15.87 -10.74 5.29
N GLU D 67 16.51 -9.58 5.14
CA GLU D 67 17.66 -9.13 5.98
C GLU D 67 17.14 -8.76 7.37
N ASN D 68 17.76 -9.31 8.42
CA ASN D 68 17.40 -9.08 9.84
C ASN D 68 16.05 -9.75 10.12
N MET D 69 15.72 -10.82 9.38
CA MET D 69 14.53 -11.67 9.60
C MET D 69 14.96 -13.00 10.20
N SER D 70 14.28 -13.45 11.27
CA SER D 70 14.42 -14.80 11.88
C SER D 70 13.98 -15.85 10.85
N ASN D 71 14.51 -17.08 10.96
CA ASN D 71 14.19 -18.22 10.06
C ASN D 71 12.70 -18.55 10.21
N ASP D 72 12.20 -18.60 11.44
CA ASP D 72 10.77 -18.83 11.76
C ASP D 72 9.90 -17.84 10.96
N ASP D 73 10.24 -16.55 11.03
CA ASP D 73 9.51 -15.46 10.34
C ASP D 73 9.65 -15.63 8.82
N ALA D 74 10.84 -16.01 8.37
CA ALA D 74 11.21 -16.15 6.94
C ALA D 74 10.38 -17.28 6.30
N VAL D 75 10.34 -18.45 6.94
CA VAL D 75 9.57 -19.64 6.48
C VAL D 75 8.09 -19.28 6.42
N ARG D 76 7.55 -18.71 7.51
CA ARG D 76 6.13 -18.27 7.61
C ARG D 76 5.81 -17.34 6.44
N VAL D 77 6.59 -16.28 6.26
CA VAL D 77 6.37 -15.22 5.23
C VAL D 77 6.36 -15.87 3.84
N LEU D 78 7.33 -16.75 3.58
CA LEU D 78 7.52 -17.40 2.26
C LEU D 78 6.28 -18.23 1.91
N ARG D 79 5.74 -18.96 2.89
CA ARG D 79 4.48 -19.75 2.76
C ARG D 79 3.34 -18.81 2.36
N GLU D 80 3.21 -17.68 3.07
CA GLU D 80 2.14 -16.67 2.84
C GLU D 80 2.19 -16.18 1.39
N ILE D 81 3.40 -15.92 0.88
CA ILE D 81 3.65 -15.26 -0.43
C ILE D 81 3.27 -16.22 -1.57
N VAL D 82 3.64 -17.51 -1.43
CA VAL D 82 3.49 -18.54 -2.50
C VAL D 82 2.02 -18.98 -2.57
N HIS D 83 1.27 -18.77 -1.49
CA HIS D 83 -0.17 -19.16 -1.37
C HIS D 83 -1.07 -18.01 -1.85
N LYS D 84 -0.49 -16.81 -2.00
CA LYS D 84 -1.11 -15.65 -2.69
C LYS D 84 -0.85 -15.77 -4.18
N PRO D 85 -1.80 -15.37 -5.06
CA PRO D 85 -1.66 -15.54 -6.50
C PRO D 85 -0.67 -14.55 -7.11
N GLY D 86 -0.07 -14.91 -8.25
CA GLY D 86 0.66 -14.00 -9.15
C GLY D 86 2.17 -14.25 -9.11
N PRO D 87 2.96 -13.45 -9.86
CA PRO D 87 4.40 -13.68 -9.99
C PRO D 87 5.14 -13.48 -8.66
N ILE D 88 6.26 -14.19 -8.48
CA ILE D 88 7.16 -14.06 -7.29
C ILE D 88 8.52 -13.54 -7.75
N THR D 89 8.96 -12.41 -7.18
CA THR D 89 10.29 -11.79 -7.43
C THR D 89 11.22 -12.10 -6.26
N LEU D 90 12.28 -12.88 -6.50
CA LEU D 90 13.33 -13.20 -5.51
C LEU D 90 14.60 -12.41 -5.84
N THR D 91 15.17 -11.72 -4.85
CA THR D 91 16.53 -11.11 -4.89
C THR D 91 17.46 -11.90 -3.97
N VAL D 92 18.55 -12.43 -4.51
CA VAL D 92 19.58 -13.22 -3.76
C VAL D 92 20.96 -12.62 -4.04
N ALA D 93 21.88 -12.71 -3.06
CA ALA D 93 23.32 -12.48 -3.22
C ALA D 93 24.01 -13.80 -3.60
N LYS D 94 24.64 -13.84 -4.78
CA LYS D 94 25.32 -15.05 -5.34
C LYS D 94 26.47 -15.44 -4.42
N SER D 95 26.69 -16.75 -4.23
CA SER D 95 27.83 -17.33 -3.46
CA SER D 95 27.83 -17.31 -3.46
C SER D 95 29.05 -17.47 -4.37
CAB QE5 E . -4.39 1.68 27.91
CAQ QE5 E . -4.02 0.41 27.16
CAL QE5 E . -5.02 -0.35 26.58
CAP QE5 E . -2.69 0.02 27.03
CAA QE5 E . -1.58 0.85 27.67
CAH QE5 E . -2.37 -1.14 26.34
CAK QE5 E . -3.37 -1.91 25.77
CAT QE5 E . -4.71 -1.52 25.88
SAV QE5 E . -5.97 -2.46 25.15
OAD QE5 E . -5.45 -3.83 24.84
OAE QE5 E . -7.13 -2.56 26.08
NAN QE5 E . -6.44 -1.72 23.76
CAS QE5 E . -6.89 -0.46 23.76
CAJ QE5 E . -8.12 -0.17 24.34
CAI QE5 E . -8.60 1.13 24.35
CAR QE5 E . -7.86 2.16 23.77
FAG QE5 E . -8.32 3.43 23.78
CAM QE5 E . -6.63 1.87 23.18
CAU QE5 E . -6.15 0.56 23.17
CAO QE5 E . -4.80 0.29 22.52
OAF QE5 E . -3.99 1.24 22.43
OAC QE5 E . -4.61 -0.85 22.02
CAB QE5 F . -13.12 -4.73 -17.37
CAQ QE5 F . -12.07 -3.62 -17.38
CAL QE5 F . -11.17 -3.51 -16.32
CAP QE5 F . -12.00 -2.72 -18.44
CAA QE5 F . -12.98 -2.83 -19.61
CAH QE5 F . -11.05 -1.72 -18.44
CAK QE5 F . -10.15 -1.61 -17.38
CAT QE5 F . -10.22 -2.50 -16.32
SAV QE5 F . -9.10 -2.37 -14.99
OAD QE5 F . -8.53 -3.73 -14.70
OAE QE5 F . -7.99 -1.44 -15.36
NAN QE5 F . -9.87 -1.83 -13.66
CAS QE5 F . -10.54 -0.68 -13.67
CAJ QE5 F . -9.88 0.51 -13.97
CAI QE5 F . -10.57 1.73 -13.95
CAR QE5 F . -11.91 1.75 -13.61
FAG QE5 F . -12.59 2.92 -13.59
CAM QE5 F . -12.57 0.57 -13.31
CAU QE5 F . -11.89 -0.64 -13.33
CAO QE5 F . -12.64 -1.93 -12.98
OAF QE5 F . -13.89 -1.91 -13.04
OAC QE5 F . -11.97 -2.92 -12.60
C1 EDO G . -8.66 19.04 -7.50
O1 EDO G . -8.61 18.61 -6.14
C2 EDO G . -9.05 17.86 -8.39
O2 EDO G . -8.24 17.83 -9.57
CAB QE5 H . -1.08 6.34 -10.18
CAQ QE5 H . -0.94 6.77 -8.71
CAL QE5 H . -0.11 6.05 -7.86
CAP QE5 H . -1.64 7.87 -8.23
CAA QE5 H . -2.56 8.68 -9.16
CAH QE5 H . -1.51 8.25 -6.90
CAK QE5 H . -0.68 7.53 -6.05
CAT QE5 H . 0.02 6.43 -6.53
SAV QE5 H . 1.10 5.55 -5.47
OAD QE5 H . 0.67 5.75 -4.04
OAE QE5 H . 1.05 4.08 -5.81
NAN QE5 H . 2.61 6.11 -5.67
CAS QE5 H . 3.25 5.96 -6.83
CAJ QE5 H . 3.67 4.70 -7.22
CAI QE5 H . 4.34 4.52 -8.43
CAR QE5 H . 4.58 5.61 -9.25
FAG QE5 H . 5.23 5.45 -10.43
CAM QE5 H . 4.17 6.88 -8.87
CAU QE5 H . 3.50 7.06 -7.65
CAO QE5 H . 3.05 8.47 -7.26
OAF QE5 H . 2.82 9.28 -8.17
OAC QE5 H . 2.99 8.75 -6.04
C1 EDO I . 10.08 4.44 3.33
O1 EDO I . 11.37 3.83 3.14
C2 EDO I . 10.24 5.94 3.58
O2 EDO I . 9.19 6.66 2.93
C1 EDO J . 1.55 23.85 -15.75
O1 EDO J . 0.22 23.58 -15.27
C2 EDO J . 2.02 25.21 -15.23
O2 EDO J . 3.39 25.40 -15.55
CAB QE5 K . 8.37 -26.45 3.01
CAQ QE5 K . 7.55 -26.31 1.72
CAL QE5 K . 6.77 -25.18 1.53
CAP QE5 K . 7.58 -27.30 0.75
CAA QE5 K . 8.44 -28.55 0.95
CAH QE5 K . 6.84 -27.16 -0.42
CAK QE5 K . 6.06 -26.03 -0.61
CAT QE5 K . 6.01 -25.05 0.39
SAV QE5 K . 5.07 -23.60 0.13
OAD QE5 K . 4.11 -23.79 -1.00
OAE QE5 K . 4.31 -23.26 1.39
NAN QE5 K . 6.12 -22.40 -0.22
CAS QE5 K . 7.26 -22.31 0.45
CAJ QE5 K . 7.26 -21.87 1.77
CAI QE5 K . 8.46 -21.81 2.47
CAR QE5 K . 9.65 -22.19 1.87
FAG QE5 K . 10.81 -22.12 2.55
CAM QE5 K . 9.64 -22.64 0.55
CAU QE5 K . 8.45 -22.71 -0.16
CAO QE5 K . 8.44 -23.20 -1.60
OAF QE5 K . 9.42 -23.89 -1.99
OAC QE5 K . 7.46 -22.92 -2.32
#